data_3U7J
#
_entry.id   3U7J
#
_cell.length_a   80.090
_cell.length_b   73.470
_cell.length_c   52.010
_cell.angle_alpha   90.000
_cell.angle_beta   128.050
_cell.angle_gamma   90.000
#
_symmetry.space_group_name_H-M   'C 1 2 1'
#
loop_
_entity.id
_entity.type
_entity.pdbx_description
1 polymer 'Ribose-5-phosphate isomerase A'
2 non-polymer 'SULFATE ION'
3 non-polymer 1,2-ETHANEDIOL
4 non-polymer 'POTASSIUM ION'
5 water water
#
_entity_poly.entity_id   1
_entity_poly.type   'polypeptide(L)'
_entity_poly.pdbx_seq_one_letter_code
;GPGSMTLLMTQDELKRLVGEAAARYVTDNVPQGAVIGVGTGSTANCFIDALAAVKDRYRGAVSSSVATTERLKSHGIRVF
DLNEIESLQVYVDGADEIDESGAMIKGGGGALTREKIVASVAETFVCIADASKRVAMLGQFPLPVEVVPMARTAIGRRLA
ALGGVPVLRVKQDGTPYVTDNGNEILDVKGLRIDDPRALEAAINGWPGVVTVGLFAQRGADLCLLGTEHGVETLRYAAR
;
_entity_poly.pdbx_strand_id   A
#
# COMPACT_ATOMS: atom_id res chain seq x y z
N LEU A 8 -12.89 -21.54 -12.04
CA LEU A 8 -13.43 -20.54 -11.12
C LEU A 8 -12.46 -20.34 -9.93
N MET A 9 -12.00 -19.10 -9.77
CA MET A 9 -11.17 -18.72 -8.64
C MET A 9 -11.83 -17.56 -7.94
N THR A 10 -11.99 -17.71 -6.63
CA THR A 10 -12.55 -16.67 -5.82
C THR A 10 -11.49 -15.61 -5.63
N GLN A 11 -11.89 -14.45 -5.09
CA GLN A 11 -10.94 -13.40 -4.82
C GLN A 11 -9.83 -13.85 -3.82
N ASP A 12 -10.24 -14.60 -2.80
CA ASP A 12 -9.28 -15.15 -1.83
C ASP A 12 -8.28 -16.06 -2.51
N GLU A 13 -8.74 -16.86 -3.46
CA GLU A 13 -7.84 -17.73 -4.17
C GLU A 13 -6.88 -16.95 -5.05
N LEU A 14 -7.37 -15.87 -5.65
CA LEU A 14 -6.48 -15.00 -6.46
C LEU A 14 -5.43 -14.30 -5.59
N LYS A 15 -5.83 -13.87 -4.39
CA LYS A 15 -4.89 -13.31 -3.44
C LYS A 15 -3.79 -14.32 -3.00
N ARG A 16 -4.18 -15.59 -2.75
CA ARG A 16 -3.17 -16.63 -2.45
C ARG A 16 -2.21 -16.77 -3.63
N LEU A 17 -2.78 -16.82 -4.83
CA LEU A 17 -2.01 -16.97 -6.05
C LEU A 17 -0.95 -15.87 -6.22
N VAL A 18 -1.32 -14.59 -6.01
CA VAL A 18 -0.32 -13.52 -6.11
C VAL A 18 0.66 -13.50 -4.92
N GLY A 19 0.20 -13.88 -3.72
CA GLY A 19 1.11 -14.03 -2.58
C GLY A 19 2.20 -15.07 -2.85
N GLU A 20 1.79 -16.21 -3.41
CA GLU A 20 2.75 -17.25 -3.76
C GLU A 20 3.68 -16.76 -4.87
N ALA A 21 3.11 -16.11 -5.88
CA ALA A 21 3.89 -15.58 -6.97
C ALA A 21 4.93 -14.57 -6.48
N ALA A 22 4.58 -13.72 -5.48
CA ALA A 22 5.53 -12.75 -4.93
C ALA A 22 6.65 -13.41 -4.10
N ALA A 23 6.31 -14.48 -3.36
CA ALA A 23 7.33 -15.28 -2.68
C ALA A 23 8.32 -15.82 -3.71
N ARG A 24 7.81 -16.36 -4.83
CA ARG A 24 8.68 -16.85 -5.91
C ARG A 24 9.51 -15.69 -6.50
N TYR A 25 8.90 -14.52 -6.71
CA TYR A 25 9.66 -13.37 -7.19
C TYR A 25 10.84 -13.05 -6.23
N VAL A 26 10.58 -13.06 -4.92
CA VAL A 26 11.62 -12.77 -3.94
C VAL A 26 12.77 -13.81 -3.97
N THR A 27 12.42 -15.08 -3.99
CA THR A 27 13.44 -16.11 -4.02
C THR A 27 14.21 -16.12 -5.37
N ASP A 28 13.55 -15.72 -6.47
CA ASP A 28 14.21 -15.58 -7.77
C ASP A 28 15.15 -14.38 -7.86
N ASN A 29 14.83 -13.30 -7.13
CA ASN A 29 15.47 -12.02 -7.34
C ASN A 29 16.25 -11.40 -6.16
N VAL A 30 15.95 -11.84 -4.93
CA VAL A 30 16.51 -11.24 -3.75
C VAL A 30 17.46 -12.25 -3.10
N PRO A 31 18.77 -11.89 -3.01
CA PRO A 31 19.72 -12.89 -2.48
C PRO A 31 19.50 -13.31 -1.02
N GLN A 32 20.05 -14.49 -0.70
CA GLN A 32 19.99 -15.04 0.63
C GLN A 32 20.55 -14.00 1.62
N GLY A 33 19.93 -13.90 2.79
CA GLY A 33 20.40 -13.03 3.85
C GLY A 33 19.75 -11.65 3.86
N ALA A 34 19.02 -11.34 2.81
CA ALA A 34 18.35 -10.04 2.68
C ALA A 34 17.29 -9.82 3.77
N VAL A 35 16.96 -8.55 3.99
CA VAL A 35 15.77 -8.13 4.75
C VAL A 35 14.65 -7.75 3.76
N ILE A 36 13.46 -8.30 3.95
CA ILE A 36 12.34 -8.07 3.01
C ILE A 36 11.36 -7.00 3.53
N GLY A 37 11.01 -6.04 2.67
CA GLY A 37 10.01 -5.06 3.03
C GLY A 37 8.64 -5.65 2.82
N VAL A 38 7.80 -5.54 3.83
CA VAL A 38 6.50 -6.26 3.85
C VAL A 38 5.33 -5.33 4.06
N GLY A 39 4.38 -5.42 3.13
CA GLY A 39 3.15 -4.65 3.16
C GLY A 39 2.07 -5.05 4.17
N THR A 40 0.86 -4.55 3.93
CA THR A 40 -0.24 -4.67 4.91
C THR A 40 -1.52 -4.97 4.13
N GLY A 41 -2.36 -5.84 4.71
CA GLY A 41 -3.65 -6.15 4.11
C GLY A 41 -3.80 -7.64 3.85
N SER A 42 -4.99 -8.04 3.43
CA SER A 42 -5.28 -9.44 3.23
C SER A 42 -4.39 -10.03 2.13
N THR A 43 -4.13 -9.29 1.05
CA THR A 43 -3.27 -9.81 0.00
C THR A 43 -1.81 -9.97 0.50
N ALA A 44 -1.30 -8.93 1.17
CA ALA A 44 0.02 -8.97 1.79
C ALA A 44 0.11 -10.12 2.77
N ASN A 45 -0.98 -10.45 3.48
CA ASN A 45 -0.95 -11.59 4.42
C ASN A 45 -0.74 -12.92 3.69
N CYS A 46 -1.25 -13.03 2.49
CA CYS A 46 -1.04 -14.24 1.69
C CYS A 46 0.44 -14.37 1.33
N PHE A 47 1.05 -13.23 1.00
CA PHE A 47 2.49 -13.17 0.72
C PHE A 47 3.26 -13.51 1.97
N ILE A 48 2.88 -12.97 3.11
CA ILE A 48 3.56 -13.35 4.39
C ILE A 48 3.55 -14.85 4.63
N ASP A 49 2.41 -15.47 4.45
CA ASP A 49 2.28 -16.91 4.68
C ASP A 49 3.16 -17.71 3.68
N ALA A 50 3.20 -17.26 2.44
CA ALA A 50 4.03 -17.90 1.43
C ALA A 50 5.52 -17.69 1.71
N LEU A 51 5.90 -16.46 2.08
CA LEU A 51 7.30 -16.16 2.43
C LEU A 51 7.78 -16.96 3.65
N ALA A 52 6.86 -17.24 4.58
CA ALA A 52 7.17 -18.01 5.79
C ALA A 52 7.76 -19.38 5.48
N ALA A 53 7.32 -19.99 4.39
CA ALA A 53 7.85 -21.28 3.94
C ALA A 53 9.31 -21.22 3.46
N VAL A 54 9.85 -20.03 3.16
CA VAL A 54 11.29 -19.89 2.82
C VAL A 54 12.01 -18.89 3.76
N LYS A 55 11.45 -18.72 4.96
CA LYS A 55 11.91 -17.67 5.87
C LYS A 55 13.40 -17.80 6.24
N ASP A 56 13.91 -19.04 6.28
CA ASP A 56 15.33 -19.27 6.65
C ASP A 56 16.33 -18.72 5.64
N ARG A 57 15.87 -18.44 4.43
CA ARG A 57 16.72 -17.83 3.43
C ARG A 57 17.00 -16.33 3.63
N TYR A 58 16.24 -15.68 4.51
CA TYR A 58 16.29 -14.23 4.69
C TYR A 58 16.53 -13.88 6.15
N ARG A 59 17.16 -12.73 6.40
CA ARG A 59 17.47 -12.33 7.76
C ARG A 59 16.25 -11.87 8.54
N GLY A 60 15.30 -11.26 7.84
CA GLY A 60 14.00 -10.95 8.38
C GLY A 60 13.27 -9.96 7.52
N ALA A 61 12.50 -9.10 8.16
CA ALA A 61 11.62 -8.19 7.48
C ALA A 61 11.55 -6.79 8.12
N VAL A 62 11.25 -5.81 7.29
CA VAL A 62 10.72 -4.55 7.78
C VAL A 62 9.21 -4.53 7.56
N SER A 63 8.46 -4.08 8.53
CA SER A 63 7.01 -4.16 8.51
C SER A 63 6.42 -2.79 8.31
N SER A 64 5.29 -2.76 7.62
CA SER A 64 4.55 -1.52 7.36
C SER A 64 3.31 -1.29 8.30
N SER A 65 3.09 -2.18 9.27
CA SER A 65 2.02 -1.99 10.23
C SER A 65 2.19 -2.88 11.46
N VAL A 66 1.52 -2.49 12.54
CA VAL A 66 1.33 -3.37 13.70
C VAL A 66 0.77 -4.73 13.32
N ALA A 67 -0.28 -4.74 12.50
CA ALA A 67 -0.90 -6.01 12.09
C ALA A 67 0.13 -6.91 11.36
N THR A 68 0.90 -6.33 10.45
CA THR A 68 1.90 -7.09 9.73
C THR A 68 3.01 -7.61 10.64
N THR A 69 3.44 -6.78 11.58
CA THR A 69 4.48 -7.17 12.57
C THR A 69 3.98 -8.39 13.33
N GLU A 70 2.72 -8.33 13.76
CA GLU A 70 2.10 -9.42 14.49
C GLU A 70 2.10 -10.71 13.67
N ARG A 71 1.72 -10.62 12.40
CA ARG A 71 1.67 -11.81 11.54
C ARG A 71 3.04 -12.37 11.23
N LEU A 72 3.99 -11.49 10.95
CA LEU A 72 5.39 -11.89 10.75
C LEU A 72 5.93 -12.66 11.97
N LYS A 73 5.77 -12.08 13.15
CA LYS A 73 6.17 -12.73 14.40
C LYS A 73 5.43 -14.07 14.65
N SER A 74 4.18 -14.17 14.18
CA SER A 74 3.44 -15.42 14.33
C SER A 74 4.10 -16.55 13.54
N HIS A 75 4.93 -16.20 12.55
CA HIS A 75 5.75 -17.17 11.77
C HIS A 75 7.19 -17.24 12.21
N GLY A 76 7.53 -16.55 13.30
CA GLY A 76 8.91 -16.55 13.77
C GLY A 76 9.86 -15.79 12.85
N ILE A 77 9.32 -14.82 12.10
CA ILE A 77 10.16 -14.00 11.23
C ILE A 77 10.63 -12.81 12.04
N ARG A 78 11.93 -12.55 12.00
CA ARG A 78 12.48 -11.41 12.71
C ARG A 78 12.06 -10.11 12.05
N VAL A 79 11.66 -9.13 12.86
CA VAL A 79 11.22 -7.84 12.34
C VAL A 79 12.21 -6.79 12.80
N PHE A 80 12.75 -6.05 11.83
CA PHE A 80 13.69 -4.98 12.11
C PHE A 80 12.99 -3.63 12.04
N ASP A 81 13.37 -2.70 12.91
CA ASP A 81 12.92 -1.34 12.81
C ASP A 81 13.64 -0.72 11.60
N LEU A 82 12.90 0.01 10.77
CA LEU A 82 13.46 0.58 9.55
C LEU A 82 14.67 1.45 9.84
N ASN A 83 14.71 2.08 11.00
CA ASN A 83 15.86 2.92 11.34
C ASN A 83 17.15 2.12 11.44
N GLU A 84 17.06 0.79 11.61
CA GLU A 84 18.27 -0.05 11.69
C GLU A 84 18.73 -0.45 10.30
N ILE A 85 17.94 -0.14 9.27
CA ILE A 85 18.17 -0.69 7.93
C ILE A 85 18.51 0.44 6.96
N GLU A 86 19.65 0.30 6.29
CA GLU A 86 20.10 1.30 5.32
C GLU A 86 19.46 1.18 3.95
N SER A 87 19.15 -0.01 3.51
CA SER A 87 18.49 -0.17 2.20
C SER A 87 17.65 -1.44 2.13
N LEU A 88 16.69 -1.44 1.23
CA LEU A 88 15.84 -2.61 0.94
C LEU A 88 15.80 -2.76 -0.57
N GLN A 89 15.98 -3.99 -1.04
CA GLN A 89 15.86 -4.27 -2.47
C GLN A 89 14.38 -4.27 -2.85
N VAL A 90 13.55 -4.92 -2.04
CA VAL A 90 12.13 -5.08 -2.41
C VAL A 90 11.18 -4.70 -1.29
N TYR A 91 10.00 -4.21 -1.72
CA TYR A 91 8.85 -3.98 -0.84
C TYR A 91 7.63 -4.55 -1.54
N VAL A 92 6.96 -5.49 -0.89
CA VAL A 92 5.86 -6.27 -1.47
C VAL A 92 4.58 -5.91 -0.73
N ASP A 93 3.64 -5.30 -1.44
CA ASP A 93 2.44 -4.76 -0.83
C ASP A 93 1.30 -4.75 -1.81
N GLY A 94 0.09 -4.64 -1.27
CA GLY A 94 -1.07 -4.51 -2.10
C GLY A 94 -1.36 -3.08 -2.50
N ALA A 95 -2.51 -2.91 -3.13
CA ALA A 95 -3.02 -1.61 -3.48
C ALA A 95 -4.53 -1.68 -3.46
N ASP A 96 -5.17 -0.60 -3.05
CA ASP A 96 -6.62 -0.51 -3.19
C ASP A 96 -7.03 -0.35 -4.65
N GLU A 97 -6.25 0.42 -5.40
CA GLU A 97 -6.35 0.53 -6.86
C GLU A 97 -4.98 0.77 -7.45
N ILE A 98 -4.81 0.35 -8.71
CA ILE A 98 -3.60 0.64 -9.49
C ILE A 98 -4.00 0.97 -10.90
N ASP A 99 -3.41 2.00 -11.50
CA ASP A 99 -3.76 2.38 -12.87
C ASP A 99 -2.66 1.93 -13.84
N GLU A 100 -2.76 2.37 -15.10
CA GLU A 100 -1.87 1.87 -16.12
C GLU A 100 -0.45 2.37 -15.95
N SER A 101 -0.26 3.51 -15.28
CA SER A 101 1.07 4.04 -14.98
C SER A 101 1.70 3.39 -13.75
N GLY A 102 0.95 2.59 -13.00
CA GLY A 102 1.50 1.97 -11.80
C GLY A 102 1.27 2.83 -10.55
N ALA A 103 0.55 3.93 -10.73
CA ALA A 103 0.13 4.76 -9.61
C ALA A 103 -0.93 4.02 -8.83
N MET A 104 -0.86 4.11 -7.52
CA MET A 104 -1.75 3.39 -6.63
C MET A 104 -2.47 4.29 -5.64
N ILE A 105 -3.69 3.90 -5.32
CA ILE A 105 -4.34 4.38 -4.12
C ILE A 105 -4.09 3.28 -3.10
N LYS A 106 -3.68 3.69 -1.91
CA LYS A 106 -3.44 2.80 -0.80
C LYS A 106 -3.90 3.48 0.49
N GLY A 107 -4.07 2.69 1.53
CA GLY A 107 -4.41 3.24 2.84
C GLY A 107 -5.79 2.84 3.32
N GLY A 108 -6.53 2.10 2.50
CA GLY A 108 -7.90 1.73 2.87
C GLY A 108 -8.00 1.09 4.25
N GLY A 109 -7.03 0.27 4.60
CA GLY A 109 -6.99 -0.34 5.94
C GLY A 109 -6.12 0.40 6.92
N GLY A 110 -5.72 1.63 6.59
CA GLY A 110 -5.19 2.57 7.57
C GLY A 110 -3.68 2.80 7.68
N ALA A 111 -2.89 1.89 7.10
CA ALA A 111 -1.40 1.89 7.30
C ALA A 111 -0.65 2.73 6.27
N LEU A 112 -1.35 3.67 5.63
CA LEU A 112 -0.84 4.58 4.63
CA LEU A 112 -0.72 4.39 4.50
C LEU A 112 0.63 5.06 4.85
N THR A 113 0.82 5.64 6.01
CA THR A 113 2.05 6.39 6.27
C THR A 113 3.29 5.46 6.34
N ARG A 114 3.20 4.39 7.12
CA ARG A 114 4.33 3.46 7.21
C ARG A 114 4.60 2.69 5.90
N GLU A 115 3.55 2.37 5.16
CA GLU A 115 3.68 1.75 3.83
C GLU A 115 4.46 2.67 2.91
N LYS A 116 4.11 3.95 2.91
CA LYS A 116 4.78 4.90 2.03
C LYS A 116 6.25 5.14 2.43
N ILE A 117 6.51 5.15 3.73
CA ILE A 117 7.88 5.23 4.23
C ILE A 117 8.72 4.00 3.77
N VAL A 118 8.23 2.78 4.00
CA VAL A 118 9.01 1.58 3.64
C VAL A 118 9.18 1.53 2.14
N ALA A 119 8.09 1.83 1.40
CA ALA A 119 8.15 1.91 -0.06
C ALA A 119 9.21 2.91 -0.53
N SER A 120 9.39 4.03 0.19
CA SER A 120 10.40 5.03 -0.18
C SER A 120 11.84 4.54 -0.09
N VAL A 121 12.09 3.56 0.79
CA VAL A 121 13.43 3.06 1.02
C VAL A 121 13.72 1.94 0.00
N ALA A 122 12.71 1.17 -0.38
CA ALA A 122 12.93 0.00 -1.26
C ALA A 122 13.26 0.41 -2.69
N GLU A 123 14.21 -0.29 -3.31
CA GLU A 123 14.49 -0.06 -4.73
C GLU A 123 13.28 -0.48 -5.62
N THR A 124 12.66 -1.61 -5.31
CA THR A 124 11.59 -2.18 -6.12
C THR A 124 10.32 -2.38 -5.32
N PHE A 125 9.25 -1.73 -5.77
CA PHE A 125 7.92 -1.92 -5.25
C PHE A 125 7.21 -2.99 -6.08
N VAL A 126 6.92 -4.13 -5.46
CA VAL A 126 6.17 -5.21 -6.11
C VAL A 126 4.74 -5.10 -5.60
N CYS A 127 3.82 -4.68 -6.46
CA CYS A 127 2.41 -4.67 -6.07
C CYS A 127 1.80 -6.04 -6.31
N ILE A 128 1.14 -6.59 -5.30
CA ILE A 128 0.38 -7.82 -5.44
C ILE A 128 -1.12 -7.48 -5.30
N ALA A 129 -1.90 -7.90 -6.31
CA ALA A 129 -3.28 -7.52 -6.42
C ALA A 129 -4.06 -8.53 -7.23
N ASP A 130 -5.30 -8.76 -6.83
CA ASP A 130 -6.23 -9.47 -7.71
C ASP A 130 -6.70 -8.48 -8.82
N ALA A 131 -7.25 -9.02 -9.89
CA ALA A 131 -7.63 -8.28 -11.11
C ALA A 131 -8.56 -7.10 -10.88
N SER A 132 -9.36 -7.17 -9.82
CA SER A 132 -10.28 -6.08 -9.49
C SER A 132 -9.61 -4.76 -9.18
N LYS A 133 -8.30 -4.79 -8.85
CA LYS A 133 -7.62 -3.59 -8.40
C LYS A 133 -7.17 -2.68 -9.59
N ARG A 134 -7.04 -3.26 -10.76
CA ARG A 134 -6.57 -2.53 -11.94
C ARG A 134 -7.70 -1.74 -12.58
N VAL A 135 -7.53 -0.41 -12.60
CA VAL A 135 -8.58 0.51 -13.03
C VAL A 135 -8.00 1.47 -14.09
N ALA A 136 -8.86 1.94 -14.98
CA ALA A 136 -8.45 2.94 -16.01
C ALA A 136 -8.05 4.27 -15.38
N MET A 137 -8.74 4.66 -14.31
CA MET A 137 -8.46 5.93 -13.64
C MET A 137 -8.73 5.80 -12.18
N LEU A 138 -7.73 6.22 -11.39
CA LEU A 138 -7.85 6.19 -9.94
C LEU A 138 -8.97 7.14 -9.44
N GLY A 139 -9.64 6.72 -8.37
CA GLY A 139 -10.46 7.59 -7.54
C GLY A 139 -11.82 7.03 -7.10
N GLN A 140 -12.29 5.92 -7.71
CA GLN A 140 -13.59 5.37 -7.31
CA GLN A 140 -13.63 5.39 -7.27
C GLN A 140 -13.45 4.70 -5.92
N PHE A 141 -12.25 4.17 -5.63
CA PHE A 141 -11.94 3.76 -4.24
C PHE A 141 -11.58 5.04 -3.49
N PRO A 142 -12.19 5.28 -2.32
CA PRO A 142 -11.94 6.60 -1.70
C PRO A 142 -10.47 6.81 -1.33
N LEU A 143 -9.97 8.00 -1.60
CA LEU A 143 -8.56 8.35 -1.39
C LEU A 143 -8.31 8.67 0.05
N PRO A 144 -7.44 7.89 0.74
CA PRO A 144 -7.16 8.24 2.14
C PRO A 144 -6.20 9.40 2.24
N VAL A 145 -6.53 10.35 3.09
CA VAL A 145 -5.62 11.43 3.41
C VAL A 145 -5.46 11.44 4.92
N GLU A 146 -4.27 11.18 5.41
CA GLU A 146 -3.97 11.25 6.86
C GLU A 146 -3.65 12.69 7.22
N VAL A 147 -4.37 13.22 8.22
CA VAL A 147 -4.33 14.64 8.49
C VAL A 147 -4.13 14.93 9.96
N VAL A 148 -3.46 16.03 10.26
CA VAL A 148 -3.38 16.54 11.63
C VAL A 148 -4.79 16.97 12.03
N PRO A 149 -5.27 16.62 13.24
CA PRO A 149 -6.67 16.93 13.60
C PRO A 149 -7.07 18.42 13.47
N MET A 150 -6.20 19.35 13.86
CA MET A 150 -6.56 20.77 13.79
C MET A 150 -6.73 21.22 12.35
N ALA A 151 -6.27 20.43 11.38
CA ALA A 151 -6.35 20.80 9.96
C ALA A 151 -7.52 20.08 9.27
N ARG A 152 -8.31 19.30 10.02
CA ARG A 152 -9.34 18.44 9.40
C ARG A 152 -10.25 19.23 8.45
N THR A 153 -10.85 20.33 8.90
CA THR A 153 -11.79 21.04 8.06
C THR A 153 -11.06 21.86 6.97
N ALA A 154 -9.86 22.37 7.27
CA ALA A 154 -9.09 23.12 6.26
C ALA A 154 -8.77 22.23 5.04
N ILE A 155 -8.28 21.02 5.31
CA ILE A 155 -8.00 20.06 4.24
C ILE A 155 -9.33 19.61 3.55
N GLY A 156 -10.36 19.33 4.34
CA GLY A 156 -11.71 19.06 3.82
C GLY A 156 -12.20 20.10 2.82
N ARG A 157 -12.03 21.37 3.17
CA ARG A 157 -12.42 22.44 2.27
C ARG A 157 -11.62 22.38 0.98
N ARG A 158 -10.31 22.13 1.08
CA ARG A 158 -9.45 22.09 -0.11
C ARG A 158 -9.87 20.94 -1.02
N LEU A 159 -10.20 19.80 -0.41
CA LEU A 159 -10.66 18.63 -1.19
C LEU A 159 -12.01 18.91 -1.84
N ALA A 160 -12.93 19.53 -1.09
CA ALA A 160 -14.26 19.90 -1.60
C ALA A 160 -14.17 20.85 -2.83
N ALA A 161 -13.19 21.76 -2.81
CA ALA A 161 -12.96 22.70 -3.92
C ALA A 161 -12.58 21.93 -5.18
N LEU A 162 -12.04 20.72 -5.03
CA LEU A 162 -11.78 19.89 -6.18
C LEU A 162 -12.97 18.99 -6.60
N GLY A 163 -14.08 19.09 -5.88
CA GLY A 163 -15.23 18.23 -6.14
C GLY A 163 -15.20 16.95 -5.29
N GLY A 164 -14.16 16.76 -4.50
CA GLY A 164 -14.10 15.64 -3.58
C GLY A 164 -15.11 15.74 -2.45
N VAL A 165 -15.56 14.57 -2.00
CA VAL A 165 -16.53 14.42 -0.92
C VAL A 165 -15.73 13.80 0.24
N PRO A 166 -15.27 14.63 1.19
CA PRO A 166 -14.41 14.08 2.24
C PRO A 166 -15.20 13.48 3.40
N VAL A 167 -14.86 12.24 3.76
CA VAL A 167 -15.52 11.50 4.83
C VAL A 167 -14.49 11.17 5.90
N LEU A 168 -14.66 11.75 7.09
CA LEU A 168 -13.81 11.44 8.24
C LEU A 168 -14.00 9.97 8.57
N ARG A 169 -12.90 9.24 8.61
CA ARG A 169 -12.95 7.82 8.95
C ARG A 169 -13.35 7.62 10.41
N VAL A 170 -14.30 6.72 10.63
CA VAL A 170 -14.79 6.45 12.00
C VAL A 170 -14.60 4.99 12.41
N LYS A 171 -14.49 4.75 13.72
CA LYS A 171 -14.45 3.37 14.26
C LYS A 171 -15.85 2.80 14.23
N GLN A 172 -16.01 1.55 14.66
CA GLN A 172 -17.32 0.92 14.77
C GLN A 172 -18.23 1.76 15.66
N ASP A 173 -17.68 2.33 16.73
CA ASP A 173 -18.45 3.19 17.65
C ASP A 173 -18.65 4.65 17.20
N GLY A 174 -18.23 5.01 15.97
CA GLY A 174 -18.52 6.35 15.45
C GLY A 174 -17.65 7.49 16.00
N THR A 175 -16.72 7.20 16.90
CA THR A 175 -15.66 8.16 17.21
C THR A 175 -14.59 8.09 16.09
N PRO A 176 -13.87 9.22 15.85
CA PRO A 176 -12.90 9.27 14.75
C PRO A 176 -11.82 8.20 14.90
N TYR A 177 -11.60 7.45 13.85
CA TYR A 177 -10.42 6.63 13.76
C TYR A 177 -9.21 7.51 14.01
N VAL A 178 -8.27 7.05 14.82
CA VAL A 178 -7.06 7.82 15.05
C VAL A 178 -5.89 6.91 14.75
N THR A 179 -4.95 7.38 13.94
CA THR A 179 -3.80 6.57 13.58
C THR A 179 -2.74 6.58 14.68
N ASP A 180 -1.77 5.69 14.47
CA ASP A 180 -0.54 5.55 15.26
C ASP A 180 0.15 6.88 15.65
N ASN A 181 0.10 7.90 14.77
CA ASN A 181 0.67 9.22 15.08
C ASN A 181 -0.36 10.22 15.61
N GLY A 182 -1.47 9.74 16.18
CA GLY A 182 -2.55 10.59 16.72
C GLY A 182 -3.30 11.43 15.68
N ASN A 183 -3.36 10.93 14.44
CA ASN A 183 -3.95 11.67 13.33
C ASN A 183 -5.25 11.04 12.84
N GLU A 184 -6.03 11.83 12.14
CA GLU A 184 -7.29 11.37 11.59
C GLU A 184 -7.07 11.02 10.13
N ILE A 185 -8.03 10.32 9.54
CA ILE A 185 -8.02 10.05 8.12
C ILE A 185 -9.29 10.58 7.51
N LEU A 186 -9.12 11.33 6.40
CA LEU A 186 -10.23 11.68 5.50
C LEU A 186 -10.17 10.78 4.31
N ASP A 187 -11.24 10.02 4.11
CA ASP A 187 -11.40 9.24 2.87
C ASP A 187 -12.21 10.06 1.87
N VAL A 188 -11.57 10.40 0.77
CA VAL A 188 -12.17 11.31 -0.19
C VAL A 188 -12.74 10.56 -1.42
N LYS A 189 -14.05 10.72 -1.62
CA LYS A 189 -14.80 10.10 -2.71
C LYS A 189 -15.06 11.08 -3.84
N GLY A 190 -15.30 10.54 -5.01
CA GLY A 190 -15.75 11.33 -6.15
C GLY A 190 -14.65 12.03 -6.94
N LEU A 191 -13.40 11.74 -6.63
CA LEU A 191 -12.29 12.32 -7.39
C LEU A 191 -12.05 11.45 -8.62
N ARG A 192 -11.72 12.10 -9.73
CA ARG A 192 -11.36 11.38 -10.93
CA ARG A 192 -11.36 11.40 -10.96
C ARG A 192 -9.90 11.76 -11.23
N ILE A 193 -8.98 10.89 -10.80
CA ILE A 193 -7.56 11.26 -10.69
C ILE A 193 -6.82 10.91 -11.97
N ASP A 194 -7.00 11.76 -12.97
CA ASP A 194 -6.38 11.56 -14.27
C ASP A 194 -4.88 11.87 -14.27
N ASP A 195 -4.39 12.63 -13.28
CA ASP A 195 -2.95 12.91 -13.14
C ASP A 195 -2.50 12.69 -11.69
N PRO A 196 -2.31 11.42 -11.29
CA PRO A 196 -1.98 11.11 -9.89
C PRO A 196 -0.72 11.80 -9.36
N ARG A 197 0.32 11.87 -10.18
CA ARG A 197 1.56 12.55 -9.75
C ARG A 197 1.29 14.02 -9.41
N ALA A 198 0.52 14.71 -10.26
CA ALA A 198 0.21 16.14 -10.07
C ALA A 198 -0.67 16.34 -8.83
N LEU A 199 -1.69 15.50 -8.66
CA LEU A 199 -2.54 15.60 -7.46
C LEU A 199 -1.78 15.23 -6.17
N GLU A 200 -0.93 14.20 -6.20
CA GLU A 200 -0.09 13.87 -5.04
C GLU A 200 0.77 15.08 -4.60
N ALA A 201 1.45 15.71 -5.58
CA ALA A 201 2.29 16.88 -5.35
C ALA A 201 1.47 18.02 -4.72
N ALA A 202 0.28 18.27 -5.24
CA ALA A 202 -0.60 19.31 -4.74
C ALA A 202 -1.03 19.06 -3.28
N ILE A 203 -1.51 17.85 -3.00
CA ILE A 203 -1.94 17.48 -1.64
C ILE A 203 -0.77 17.47 -0.63
N ASN A 204 0.40 17.02 -1.05
CA ASN A 204 1.60 17.09 -0.22
C ASN A 204 2.04 18.49 0.12
N GLY A 205 1.65 19.46 -0.70
CA GLY A 205 1.91 20.88 -0.42
C GLY A 205 0.96 21.52 0.59
N TRP A 206 -0.04 20.79 1.07
CA TRP A 206 -1.01 21.34 2.02
C TRP A 206 -0.61 21.15 3.46
N PRO A 207 -0.38 22.26 4.18
CA PRO A 207 -0.03 22.08 5.60
C PRO A 207 -1.16 21.33 6.34
N GLY A 208 -0.79 20.39 7.20
CA GLY A 208 -1.78 19.61 7.90
C GLY A 208 -1.97 18.24 7.30
N VAL A 209 -1.54 18.07 6.04
CA VAL A 209 -1.51 16.73 5.47
C VAL A 209 -0.27 16.00 6.00
N VAL A 210 -0.46 14.80 6.55
CA VAL A 210 0.66 13.97 6.95
C VAL A 210 1.11 13.10 5.77
N THR A 211 0.18 12.34 5.22
CA THR A 211 0.45 11.47 4.11
C THR A 211 -0.80 11.39 3.26
N VAL A 212 -0.62 11.39 1.95
CA VAL A 212 -1.69 11.12 1.02
C VAL A 212 -1.49 9.73 0.41
N GLY A 213 -2.58 8.98 0.36
CA GLY A 213 -2.59 7.60 -0.13
C GLY A 213 -2.59 7.46 -1.63
N LEU A 214 -1.94 8.41 -2.29
CA LEU A 214 -1.54 8.30 -3.68
C LEU A 214 -0.06 7.93 -3.69
N PHE A 215 0.27 6.76 -4.25
CA PHE A 215 1.66 6.36 -4.44
C PHE A 215 1.95 6.50 -5.93
N ALA A 216 2.41 7.67 -6.35
CA ALA A 216 2.47 8.02 -7.78
C ALA A 216 3.82 8.53 -8.16
N GLN A 217 4.35 9.50 -7.41
CA GLN A 217 5.73 9.92 -7.62
C GLN A 217 6.67 8.69 -7.43
N ARG A 218 6.33 7.87 -6.45
CA ARG A 218 6.87 6.52 -6.32
C ARG A 218 5.68 5.55 -6.32
N GLY A 219 5.44 4.92 -7.49
CA GLY A 219 4.40 3.92 -7.64
C GLY A 219 4.98 2.54 -7.69
N ALA A 220 4.21 1.60 -8.24
CA ALA A 220 4.66 0.22 -8.44
C ALA A 220 5.72 0.17 -9.52
N ASP A 221 6.75 -0.67 -9.33
CA ASP A 221 7.72 -1.02 -10.38
C ASP A 221 7.22 -2.23 -11.17
N LEU A 222 6.54 -3.13 -10.47
CA LEU A 222 5.80 -4.16 -11.16
C LEU A 222 4.61 -4.59 -10.35
N CYS A 223 3.70 -5.26 -11.02
CA CYS A 223 2.47 -5.75 -10.37
C CYS A 223 2.23 -7.20 -10.80
N LEU A 224 2.07 -8.05 -9.81
CA LEU A 224 1.67 -9.42 -10.04
C LEU A 224 0.19 -9.44 -9.84
N LEU A 225 -0.55 -9.53 -10.96
CA LEU A 225 -1.99 -9.38 -10.99
C LEU A 225 -2.64 -10.75 -11.12
N GLY A 226 -3.44 -11.13 -10.14
CA GLY A 226 -4.09 -12.41 -10.16
C GLY A 226 -5.37 -12.30 -10.92
N THR A 227 -5.42 -12.92 -12.10
CA THR A 227 -6.62 -12.97 -12.92
C THR A 227 -7.19 -14.38 -13.00
N GLU A 228 -8.43 -14.46 -13.52
CA GLU A 228 -9.08 -15.74 -13.70
C GLU A 228 -8.34 -16.61 -14.70
N HIS A 229 -7.36 -16.06 -15.44
CA HIS A 229 -6.52 -16.88 -16.33
C HIS A 229 -5.10 -16.99 -15.83
N GLY A 230 -4.87 -16.66 -14.56
CA GLY A 230 -3.54 -16.80 -13.94
C GLY A 230 -2.92 -15.46 -13.65
N VAL A 231 -1.67 -15.48 -13.22
CA VAL A 231 -0.99 -14.28 -12.80
C VAL A 231 -0.38 -13.58 -14.01
N GLU A 232 -0.68 -12.29 -14.18
CA GLU A 232 -0.03 -11.45 -15.16
C GLU A 232 1.06 -10.61 -14.47
N THR A 233 2.18 -10.42 -15.16
CA THR A 233 3.24 -9.55 -14.62
C THR A 233 3.20 -8.25 -15.42
N LEU A 234 2.84 -7.17 -14.75
CA LEU A 234 2.77 -5.85 -15.33
C LEU A 234 4.00 -5.09 -14.87
N ARG A 235 4.61 -4.31 -15.77
CA ARG A 235 5.81 -3.55 -15.43
CA ARG A 235 5.81 -3.57 -15.44
C ARG A 235 5.63 -2.10 -15.82
N TYR A 236 6.20 -1.21 -15.01
CA TYR A 236 6.02 0.22 -15.14
C TYR A 236 7.37 0.93 -15.16
N ALA A 237 7.40 2.13 -15.72
CA ALA A 237 8.64 2.83 -16.02
C ALA A 237 9.37 3.24 -14.79
N ALA A 238 10.66 2.87 -14.74
CA ALA A 238 11.50 3.20 -13.58
C ALA A 238 11.51 4.73 -13.37
#